data_6DRE
#
_entry.id   6DRE
#
_cell.length_a   136.355
_cell.length_b   51.036
_cell.length_c   94.899
_cell.angle_alpha   90.000
_cell.angle_beta   123.710
_cell.angle_gamma   90.000
#
_symmetry.space_group_name_H-M   'C 1 2 1'
#
loop_
_entity.id
_entity.type
_entity.pdbx_description
1 polymer 'ADP-ribosyl-(Dinitrogen reductase) hydrolase'
2 polymer 'PAAR repeat-containing protein'
3 non-polymer 'MAGNESIUM ION'
4 water water
#
loop_
_entity_poly.entity_id
_entity_poly.type
_entity_poly.pdbx_seq_one_letter_code
_entity_poly.pdbx_strand_id
1 'polypeptide(L)'
;(MSE)IDLREDTWTLQLYAQRYKGLSPKNSRELQLR(MSE)EYDPLKPNLPTSGEEQNSKPEWLNTPPCLIPESESLDKA
KGALVGLAIGDAIGTTLEFLPRDKLHVND(MSE)VGGGPFRLQPGEWTDDTS(MSE)ALCLAESYISAGRLDITLFREKL
VRWYRHGENSSNGRCFDIGNTTRNALEQYLKHGASWFGNTEPETAGNAAIIRQAPTSIFRRKSLQRTFADSDSQS(MSE)
ATHCAPES(MSE)ASCQFLGFILNYLINGSSREKAFSPHV(MSE)PLPVRVLLINAGEYKEKKRDEIRSSGYVIDTLEAA
(MSE)WAVWNTDNFHDAILLAANLGDDADSVAATTGQIAGALYGYSNIPKPWLDKLVQQERISNLAEQLFY(MSE)APEE
DF
;
A
2 'polypeptide(L)'
;GQEQAKVWTQTARANAEKNNAQLSTLLTDDQIGAIYGYTTNEGYTALNPALRGQTPLTPELEAFTGHVTDGLNKLPAYNG
ETYRGTTLPAHILEQNQIGGTVSDGGF(MSE)STSAKTPFDGDVSISVRGNSGKQIDFLSKYKNEAEVLYPPNTRFEVIN
RIEQNGTTHLLYREIP
;
B
#
loop_
_chem_comp.id
_chem_comp.type
_chem_comp.name
_chem_comp.formula
MG non-polymer 'MAGNESIUM ION' 'Mg 2'
#
# COMPACT_ATOMS: atom_id res chain seq x y z
N ILE A 2 19.31 -10.49 3.54
CA ILE A 2 18.12 -10.80 4.33
C ILE A 2 17.02 -11.41 3.45
N ASP A 3 16.42 -12.50 3.92
CA ASP A 3 15.35 -13.17 3.19
C ASP A 3 14.03 -12.56 3.64
N LEU A 4 13.31 -11.93 2.72
CA LEU A 4 12.07 -11.25 3.09
C LEU A 4 11.00 -12.22 3.57
N ARG A 5 11.15 -13.53 3.29
CA ARG A 5 10.20 -14.52 3.79
C ARG A 5 10.33 -14.75 5.28
N GLU A 6 11.38 -14.21 5.91
CA GLU A 6 11.57 -14.46 7.33
C GLU A 6 10.44 -13.82 8.13
N ASP A 7 10.27 -14.31 9.36
CA ASP A 7 9.26 -13.79 10.25
C ASP A 7 9.53 -12.32 10.58
N THR A 8 8.46 -11.56 10.83
CA THR A 8 8.60 -10.11 10.96
C THR A 8 9.31 -9.72 12.24
N TRP A 9 9.36 -10.60 13.24
CA TRP A 9 10.17 -10.32 14.42
C TRP A 9 11.63 -10.22 14.04
N THR A 10 12.12 -11.22 13.33
CA THR A 10 13.50 -11.20 12.85
C THR A 10 13.73 -9.99 11.95
N LEU A 11 12.80 -9.70 11.05
CA LEU A 11 13.01 -8.64 10.07
C LEU A 11 13.00 -7.27 10.74
N GLN A 12 12.10 -7.07 11.72
CA GLN A 12 11.96 -5.77 12.37
C GLN A 12 13.16 -5.46 13.25
N LEU A 13 13.72 -6.48 13.90
CA LEU A 13 14.97 -6.27 14.61
C LEU A 13 16.09 -5.91 13.65
N TYR A 14 16.16 -6.59 12.52
CA TYR A 14 17.16 -6.28 11.51
C TYR A 14 16.95 -4.87 10.95
N ALA A 15 15.70 -4.50 10.68
CA ALA A 15 15.39 -3.22 10.05
C ALA A 15 15.70 -2.02 10.95
N GLN A 16 16.11 -2.23 12.21
CA GLN A 16 16.39 -1.07 13.06
C GLN A 16 17.50 -0.19 12.50
N ARG A 17 18.41 -0.76 11.71
CA ARG A 17 19.42 0.06 11.05
C ARG A 17 18.82 1.06 10.07
N TYR A 18 17.51 0.99 9.79
CA TYR A 18 16.87 1.90 8.84
C TYR A 18 15.78 2.75 9.51
N LYS A 19 15.89 3.00 10.81
CA LYS A 19 14.87 3.77 11.50
C LYS A 19 14.68 5.17 10.90
N GLY A 20 15.75 5.74 10.32
CA GLY A 20 15.67 7.04 9.68
C GLY A 20 14.76 7.10 8.44
N LEU A 21 14.28 5.96 7.97
CA LEU A 21 13.35 5.94 6.85
C LEU A 21 11.90 6.06 7.29
N SER A 22 11.63 6.07 8.59
N SER A 22 11.63 6.07 8.59
CA SER A 22 10.26 6.23 9.08
CA SER A 22 10.25 6.23 9.02
C SER A 22 10.01 7.71 9.40
C SER A 22 9.99 7.69 9.42
N PRO A 23 8.90 8.29 8.95
CA PRO A 23 8.58 9.65 9.39
C PRO A 23 8.27 9.70 10.87
N LYS A 24 8.66 10.80 11.51
CA LYS A 24 8.40 10.96 12.94
C LYS A 24 6.91 11.15 13.19
N ASN A 25 6.45 10.70 14.35
CA ASN A 25 5.07 10.94 14.77
C ASN A 25 4.71 12.43 14.73
N SER A 26 3.45 12.71 14.40
CA SER A 26 2.89 14.02 14.74
C SER A 26 2.84 14.17 16.27
N ARG A 27 2.72 15.41 16.74
CA ARG A 27 2.64 15.55 18.18
C ARG A 27 1.38 14.88 18.75
N GLU A 28 0.27 14.86 17.99
CA GLU A 28 -0.94 14.21 18.48
C GLU A 28 -0.80 12.69 18.52
N LEU A 29 -0.25 12.08 17.47
CA LEU A 29 -0.09 10.62 17.48
C LEU A 29 0.89 10.22 18.57
N GLN A 30 1.95 11.01 18.75
CA GLN A 30 2.87 10.78 19.85
C GLN A 30 2.14 10.80 21.18
N LEU A 31 1.23 11.76 21.38
CA LEU A 31 0.44 11.78 22.62
C LEU A 31 -0.36 10.48 22.79
N ARG A 32 -0.93 9.95 21.70
CA ARG A 32 -1.71 8.72 21.77
C ARG A 32 -0.86 7.50 22.04
N MSE A 33 0.44 7.61 21.86
CA MSE A 33 1.36 6.52 22.19
C MSE A 33 1.96 6.65 23.58
O MSE A 33 2.72 5.77 24.01
CB MSE A 33 2.46 6.46 21.14
CG MSE A 33 1.88 5.96 19.84
SE MSE A 33 3.25 5.40 18.58
CE MSE A 33 2.08 4.89 17.08
N GLU A 34 1.59 7.71 24.32
CA GLU A 34 2.03 7.83 25.71
C GLU A 34 1.38 6.79 26.61
N TYR A 35 2.14 6.31 27.61
CA TYR A 35 1.52 5.49 28.65
C TYR A 35 0.44 6.28 29.37
N ASP A 36 0.70 7.56 29.65
CA ASP A 36 -0.31 8.38 30.30
C ASP A 36 -0.25 9.74 29.64
N PRO A 37 -1.27 10.09 28.82
CA PRO A 37 -1.19 11.34 28.04
C PRO A 37 -1.30 12.56 28.90
N LEU A 38 -1.86 12.45 30.11
CA LEU A 38 -1.86 13.55 31.07
C LEU A 38 -0.52 13.74 31.76
N LYS A 39 0.39 12.76 31.66
CA LYS A 39 1.75 12.85 32.20
C LYS A 39 2.74 12.43 31.12
N PRO A 40 2.84 13.20 30.05
CA PRO A 40 3.63 12.75 28.90
C PRO A 40 5.11 12.63 29.22
N ASN A 41 5.71 11.67 28.54
CA ASN A 41 6.99 11.03 28.76
C ASN A 41 7.91 11.15 27.56
N LEU A 42 7.34 11.28 26.34
CA LEU A 42 7.82 11.16 24.98
C LEU A 42 8.12 12.55 24.40
N PRO A 43 9.05 12.64 23.45
CA PRO A 43 9.38 13.95 22.87
C PRO A 43 8.16 14.65 22.30
N THR A 44 7.99 15.92 22.64
CA THR A 44 6.82 16.67 22.24
C THR A 44 7.11 17.60 21.06
N SER A 45 8.15 17.29 20.29
CA SER A 45 8.63 18.12 19.19
C SER A 45 7.96 17.82 17.85
N GLY A 46 6.98 16.93 17.81
CA GLY A 46 6.38 16.55 16.54
C GLY A 46 5.59 17.68 15.90
N GLU A 47 5.37 17.58 14.58
CA GLU A 47 4.56 18.60 13.95
C GLU A 47 3.07 18.32 14.17
N GLU A 48 2.25 19.35 13.92
CA GLU A 48 0.81 19.16 14.01
C GLU A 48 0.36 18.05 13.07
N GLN A 49 -0.65 17.29 13.52
CA GLN A 49 -1.13 16.18 12.72
C GLN A 49 -1.68 16.68 11.40
N ASN A 50 -2.19 17.92 11.42
CA ASN A 50 -2.73 18.73 10.32
C ASN A 50 -1.72 19.00 9.19
N SER A 51 -0.43 18.84 9.43
CA SER A 51 0.52 19.56 8.58
C SER A 51 1.17 18.62 7.58
N LYS A 52 1.59 19.20 6.45
CA LYS A 52 2.11 18.39 5.36
C LYS A 52 3.53 17.93 5.67
N PRO A 53 3.82 16.64 5.71
CA PRO A 53 5.18 16.19 6.03
C PRO A 53 6.09 16.29 4.82
N GLU A 54 7.40 16.38 5.10
CA GLU A 54 8.38 16.64 4.03
C GLU A 54 8.38 15.54 2.97
N TRP A 55 8.17 14.28 3.36
CA TRP A 55 8.20 13.18 2.42
C TRP A 55 7.04 13.21 1.44
N LEU A 56 6.04 14.09 1.64
CA LEU A 56 4.96 14.28 0.67
C LEU A 56 5.17 15.54 -0.19
N ASN A 57 6.33 16.18 -0.09
CA ASN A 57 6.64 17.30 -0.96
C ASN A 57 7.00 16.73 -2.32
N THR A 58 6.16 16.93 -3.31
CA THR A 58 6.38 16.26 -4.59
C THR A 58 7.60 16.86 -5.30
N PRO A 59 8.62 16.07 -5.62
CA PRO A 59 9.74 16.64 -6.40
C PRO A 59 9.23 17.15 -7.73
N PRO A 60 9.66 18.34 -8.15
CA PRO A 60 9.15 18.91 -9.41
C PRO A 60 9.59 18.12 -10.62
N CYS A 61 8.86 18.28 -11.74
CA CYS A 61 9.23 17.62 -12.98
C CYS A 61 10.34 18.44 -13.62
N LEU A 62 11.57 17.95 -13.59
CA LEU A 62 12.66 18.76 -14.13
C LEU A 62 13.07 18.31 -15.53
N ILE A 63 12.19 17.57 -16.21
CA ILE A 63 12.39 17.22 -17.61
C ILE A 63 11.28 17.88 -18.42
N PRO A 64 11.48 18.02 -19.74
CA PRO A 64 10.41 18.59 -20.57
C PRO A 64 9.15 17.77 -20.51
N GLU A 65 8.01 18.45 -20.69
CA GLU A 65 6.72 17.78 -20.62
C GLU A 65 6.65 16.60 -21.58
N SER A 66 7.15 16.76 -22.81
CA SER A 66 7.07 15.64 -23.76
C SER A 66 7.92 14.46 -23.31
N GLU A 67 9.00 14.71 -22.57
CA GLU A 67 9.79 13.59 -22.06
C GLU A 67 9.05 12.87 -20.94
N SER A 68 8.43 13.62 -20.02
CA SER A 68 7.63 13.00 -18.99
C SER A 68 6.47 12.20 -19.59
N LEU A 69 5.84 12.74 -20.63
CA LEU A 69 4.79 12.00 -21.34
C LEU A 69 5.34 10.70 -21.92
N ASP A 70 6.56 10.74 -22.47
CA ASP A 70 7.15 9.51 -22.99
C ASP A 70 7.33 8.47 -21.89
N LYS A 71 7.65 8.91 -20.67
CA LYS A 71 7.81 7.98 -19.56
C LYS A 71 6.47 7.46 -19.07
N ALA A 72 5.44 8.31 -19.06
CA ALA A 72 4.12 7.85 -18.67
C ALA A 72 3.57 6.84 -19.67
N LYS A 73 3.71 7.12 -20.97
CA LYS A 73 3.40 6.10 -21.96
C LYS A 73 4.23 4.85 -21.75
N GLY A 74 5.51 5.01 -21.46
CA GLY A 74 6.33 3.85 -21.23
C GLY A 74 5.83 3.00 -20.07
N ALA A 75 5.30 3.65 -19.01
CA ALA A 75 4.86 2.90 -17.85
C ALA A 75 3.67 2.02 -18.17
N LEU A 76 2.69 2.54 -18.91
CA LEU A 76 1.49 1.76 -19.14
C LEU A 76 1.67 0.80 -20.30
N VAL A 77 2.31 1.24 -21.38
CA VAL A 77 2.56 0.31 -22.48
C VAL A 77 3.57 -0.75 -22.04
N GLY A 78 4.57 -0.35 -21.24
CA GLY A 78 5.57 -1.31 -20.78
C GLY A 78 4.96 -2.40 -19.90
N LEU A 79 3.96 -2.04 -19.10
CA LEU A 79 3.19 -3.02 -18.33
C LEU A 79 2.64 -4.10 -19.26
N ALA A 80 1.97 -3.67 -20.34
CA ALA A 80 1.34 -4.59 -21.28
C ALA A 80 2.39 -5.44 -21.99
N ILE A 81 3.51 -4.82 -22.39
CA ILE A 81 4.58 -5.56 -23.05
C ILE A 81 5.15 -6.64 -22.13
N GLY A 82 5.46 -6.28 -20.88
CA GLY A 82 5.95 -7.28 -19.95
C GLY A 82 4.96 -8.40 -19.71
N ASP A 83 3.68 -8.05 -19.52
CA ASP A 83 2.61 -9.05 -19.44
C ASP A 83 2.62 -10.00 -20.65
N ALA A 84 2.63 -9.45 -21.87
CA ALA A 84 2.56 -10.31 -23.06
C ALA A 84 3.77 -11.22 -23.17
N ILE A 85 4.93 -10.78 -22.70
CA ILE A 85 6.11 -11.62 -22.79
C ILE A 85 6.19 -12.59 -21.62
N GLY A 86 5.85 -12.13 -20.41
CA GLY A 86 5.98 -12.99 -19.24
C GLY A 86 5.02 -14.16 -19.25
N THR A 87 3.87 -14.00 -19.89
CA THR A 87 2.92 -15.14 -19.84
C THR A 87 3.49 -16.38 -20.51
N THR A 88 4.45 -16.22 -21.43
CA THR A 88 5.01 -17.36 -22.16
C THR A 88 5.54 -18.44 -21.23
N LEU A 89 6.22 -18.03 -20.14
CA LEU A 89 6.82 -18.98 -19.21
C LEU A 89 6.03 -19.17 -17.92
N GLU A 90 4.77 -18.73 -17.90
CA GLU A 90 3.96 -18.78 -16.69
C GLU A 90 3.78 -20.23 -16.21
N PHE A 91 3.99 -20.44 -14.92
CA PHE A 91 3.87 -21.70 -14.21
C PHE A 91 5.03 -22.66 -14.48
N LEU A 92 6.07 -22.27 -15.37
CA LEU A 92 7.12 -23.25 -15.62
C LEU A 92 8.26 -23.08 -14.60
N PRO A 93 8.96 -24.16 -14.27
CA PRO A 93 10.09 -24.03 -13.35
C PRO A 93 11.18 -23.18 -13.96
N ARG A 94 11.83 -22.36 -13.13
CA ARG A 94 12.89 -21.49 -13.63
C ARG A 94 13.91 -22.28 -14.44
N ASP A 95 14.25 -21.75 -15.61
CA ASP A 95 15.31 -22.25 -16.48
C ASP A 95 15.01 -23.58 -17.15
N LYS A 96 13.79 -24.10 -17.06
CA LYS A 96 13.45 -25.23 -17.93
C LYS A 96 13.42 -24.79 -19.38
N LEU A 97 12.79 -23.64 -19.62
CA LEU A 97 12.73 -23.01 -20.94
C LEU A 97 13.09 -21.55 -20.80
N HIS A 98 13.41 -20.91 -21.92
CA HIS A 98 13.66 -19.48 -21.87
C HIS A 98 12.82 -18.78 -22.92
N VAL A 99 12.65 -17.48 -22.75
CA VAL A 99 11.94 -16.67 -23.73
C VAL A 99 12.86 -15.52 -24.12
N ASN A 100 12.91 -15.19 -25.41
CA ASN A 100 13.78 -14.10 -25.82
C ASN A 100 13.07 -13.08 -26.72
N ASP A 101 11.75 -13.18 -26.86
CA ASP A 101 11.03 -12.37 -27.82
C ASP A 101 9.55 -12.49 -27.48
N MSE A 102 8.74 -11.69 -28.16
CA MSE A 102 7.30 -11.70 -27.98
C MSE A 102 6.71 -12.80 -28.85
O MSE A 102 6.64 -12.65 -30.08
CB MSE A 102 6.71 -10.33 -28.33
CG MSE A 102 5.33 -10.11 -27.80
SE MSE A 102 4.81 -8.33 -28.21
CE MSE A 102 5.57 -7.47 -26.63
N VAL A 103 6.36 -13.94 -28.24
CA VAL A 103 6.08 -15.14 -29.02
C VAL A 103 4.71 -15.73 -28.69
N GLY A 104 4.03 -15.17 -27.67
CA GLY A 104 2.74 -15.72 -27.31
C GLY A 104 2.87 -17.04 -26.57
N GLY A 105 1.90 -17.92 -26.78
CA GLY A 105 1.94 -19.21 -26.12
C GLY A 105 1.51 -19.08 -24.67
N GLY A 106 2.27 -19.73 -23.78
CA GLY A 106 1.87 -19.82 -22.38
C GLY A 106 0.69 -20.75 -22.13
N PRO A 107 0.18 -20.73 -20.88
CA PRO A 107 -0.95 -21.61 -20.51
C PRO A 107 -2.19 -21.32 -21.33
N PHE A 108 -2.32 -20.10 -21.83
CA PHE A 108 -3.53 -19.71 -22.54
C PHE A 108 -3.36 -19.76 -24.04
N ARG A 109 -2.23 -20.30 -24.51
CA ARG A 109 -2.02 -20.58 -25.94
C ARG A 109 -2.26 -19.34 -26.78
N LEU A 110 -1.62 -18.24 -26.41
CA LEU A 110 -1.88 -16.92 -26.97
C LEU A 110 -1.10 -16.70 -28.27
N GLN A 111 -1.61 -15.77 -29.07
CA GLN A 111 -0.89 -15.24 -30.22
C GLN A 111 0.12 -14.20 -29.73
N PRO A 112 1.19 -13.95 -30.48
CA PRO A 112 2.17 -12.95 -30.01
C PRO A 112 1.52 -11.60 -29.84
N GLY A 113 1.84 -10.95 -28.71
CA GLY A 113 1.33 -9.64 -28.41
C GLY A 113 0.07 -9.62 -27.59
N GLU A 114 -0.56 -10.78 -27.36
CA GLU A 114 -1.77 -10.82 -26.53
C GLU A 114 -1.38 -10.81 -25.07
N TRP A 115 -1.95 -9.87 -24.32
CA TRP A 115 -1.70 -9.71 -22.89
C TRP A 115 -2.88 -10.28 -22.10
N THR A 116 -2.74 -10.30 -20.77
CA THR A 116 -3.65 -11.13 -19.98
C THR A 116 -4.39 -10.28 -18.96
N ASP A 117 -4.73 -10.87 -17.81
CA ASP A 117 -5.50 -10.09 -16.83
C ASP A 117 -4.72 -8.91 -16.28
N ASP A 118 -3.37 -8.97 -16.24
CA ASP A 118 -2.62 -7.84 -15.69
C ASP A 118 -2.98 -6.56 -16.43
N THR A 119 -2.91 -6.60 -17.76
CA THR A 119 -3.22 -5.43 -18.57
C THR A 119 -4.71 -5.12 -18.58
N SER A 120 -5.57 -6.14 -18.68
CA SER A 120 -7.02 -5.92 -18.56
C SER A 120 -7.38 -5.11 -17.32
N MSE A 121 -6.84 -5.48 -16.16
CA MSE A 121 -7.18 -4.77 -14.97
C MSE A 121 -6.60 -3.35 -15.01
O MSE A 121 -7.26 -2.42 -14.54
CB MSE A 121 -6.67 -5.52 -13.74
CG MSE A 121 -7.38 -6.90 -13.60
SE MSE A 121 -6.86 -7.72 -11.89
CE MSE A 121 -4.99 -8.04 -12.28
N ALA A 122 -5.41 -3.19 -15.58
CA ALA A 122 -4.84 -1.84 -15.67
C ALA A 122 -5.69 -0.96 -16.59
N LEU A 123 -6.19 -1.51 -17.69
CA LEU A 123 -7.02 -0.70 -18.57
C LEU A 123 -8.34 -0.34 -17.89
N CYS A 124 -8.94 -1.27 -17.15
CA CYS A 124 -10.13 -0.93 -16.36
C CYS A 124 -9.85 0.25 -15.44
N LEU A 125 -8.73 0.20 -14.73
CA LEU A 125 -8.36 1.30 -13.84
C LEU A 125 -8.19 2.60 -14.60
N ALA A 126 -7.45 2.55 -15.73
CA ALA A 126 -7.23 3.76 -16.54
C ALA A 126 -8.56 4.36 -16.98
N GLU A 127 -9.44 3.52 -17.55
CA GLU A 127 -10.72 4.03 -18.03
C GLU A 127 -11.55 4.61 -16.90
N SER A 128 -11.45 4.03 -15.69
CA SER A 128 -12.26 4.58 -14.60
C SER A 128 -11.75 5.97 -14.21
N TYR A 129 -10.43 6.19 -14.22
CA TYR A 129 -9.90 7.54 -13.99
C TYR A 129 -10.35 8.52 -15.07
N ILE A 130 -10.29 8.09 -16.33
CA ILE A 130 -10.65 8.99 -17.43
C ILE A 130 -12.09 9.44 -17.29
N SER A 131 -12.96 8.52 -16.87
CA SER A 131 -14.38 8.83 -16.73
C SER A 131 -14.67 9.65 -15.48
N ALA A 132 -14.05 9.30 -14.35
CA ALA A 132 -14.42 9.88 -13.05
C ALA A 132 -13.61 11.11 -12.64
N GLY A 133 -12.41 11.30 -13.19
CA GLY A 133 -11.55 12.38 -12.74
C GLY A 133 -10.99 12.18 -11.35
N ARG A 134 -11.01 10.95 -10.84
CA ARG A 134 -10.52 10.60 -9.52
C ARG A 134 -10.53 9.08 -9.48
N LEU A 135 -10.03 8.51 -8.39
CA LEU A 135 -10.16 7.07 -8.17
C LEU A 135 -11.53 6.81 -7.62
N ASP A 136 -12.37 6.11 -8.39
CA ASP A 136 -13.72 5.74 -7.97
C ASP A 136 -13.77 4.22 -7.90
N ILE A 137 -13.68 3.67 -6.67
CA ILE A 137 -13.54 2.22 -6.51
C ILE A 137 -14.75 1.49 -7.11
N THR A 138 -15.94 2.04 -6.93
CA THR A 138 -17.13 1.42 -7.52
C THR A 138 -17.03 1.39 -9.06
N LEU A 139 -16.68 2.52 -9.68
CA LEU A 139 -16.55 2.51 -11.15
C LEU A 139 -15.46 1.54 -11.60
N PHE A 140 -14.33 1.52 -10.89
CA PHE A 140 -13.26 0.57 -11.18
C PHE A 140 -13.78 -0.85 -11.09
N ARG A 141 -14.54 -1.16 -10.04
CA ARG A 141 -15.09 -2.51 -9.90
C ARG A 141 -16.10 -2.82 -11.00
N GLU A 142 -16.91 -1.83 -11.39
CA GLU A 142 -17.85 -2.05 -12.49
C GLU A 142 -17.12 -2.36 -13.79
N LYS A 143 -16.03 -1.65 -14.08
CA LYS A 143 -15.25 -1.97 -15.27
C LYS A 143 -14.64 -3.36 -15.15
N LEU A 144 -14.13 -3.74 -13.98
CA LEU A 144 -13.60 -5.11 -13.85
C LEU A 144 -14.70 -6.13 -14.08
N VAL A 145 -15.92 -5.86 -13.63
CA VAL A 145 -17.01 -6.81 -13.84
C VAL A 145 -17.34 -6.93 -15.33
N ARG A 146 -17.25 -5.81 -16.08
CA ARG A 146 -17.50 -5.89 -17.53
C ARG A 146 -16.44 -6.75 -18.22
N TRP A 147 -15.18 -6.61 -17.79
CA TRP A 147 -14.12 -7.49 -18.27
C TRP A 147 -14.44 -8.95 -17.91
N TYR A 148 -14.68 -9.20 -16.62
CA TYR A 148 -14.91 -10.54 -16.11
C TYR A 148 -16.10 -11.20 -16.79
N ARG A 149 -17.24 -10.51 -16.84
CA ARG A 149 -18.46 -11.10 -17.34
C ARG A 149 -18.61 -10.99 -18.84
N HIS A 150 -18.01 -9.96 -19.46
CA HIS A 150 -18.29 -9.71 -20.86
C HIS A 150 -17.04 -9.59 -21.71
N GLY A 151 -15.86 -9.76 -21.14
CA GLY A 151 -14.67 -9.72 -21.97
C GLY A 151 -14.26 -8.35 -22.44
N GLU A 152 -14.88 -7.29 -21.94
CA GLU A 152 -14.42 -5.94 -22.24
C GLU A 152 -12.98 -5.79 -21.76
N ASN A 153 -12.19 -5.02 -22.50
CA ASN A 153 -10.80 -4.76 -22.14
C ASN A 153 -9.96 -6.04 -22.07
N SER A 154 -10.32 -7.03 -22.88
CA SER A 154 -9.53 -8.25 -23.09
C SER A 154 -8.73 -8.13 -24.37
N SER A 155 -7.56 -8.77 -24.40
CA SER A 155 -6.76 -8.85 -25.61
C SER A 155 -7.41 -9.69 -26.72
N ASN A 156 -8.26 -10.65 -26.37
CA ASN A 156 -8.82 -11.58 -27.34
C ASN A 156 -10.34 -11.73 -27.20
N GLY A 157 -11.01 -10.85 -26.46
CA GLY A 157 -12.46 -10.88 -26.38
C GLY A 157 -13.03 -11.67 -25.21
N ARG A 158 -12.20 -12.39 -24.46
CA ARG A 158 -12.68 -13.18 -23.33
C ARG A 158 -11.87 -12.86 -22.08
N CYS A 159 -12.51 -12.98 -20.92
CA CYS A 159 -11.76 -12.95 -19.66
C CYS A 159 -11.15 -14.32 -19.46
N PHE A 160 -9.82 -14.46 -19.36
CA PHE A 160 -9.31 -15.84 -19.30
C PHE A 160 -8.35 -16.21 -18.17
N ASP A 161 -7.78 -15.26 -17.44
CA ASP A 161 -6.68 -15.46 -16.50
C ASP A 161 -6.99 -14.84 -15.14
N ILE A 162 -8.27 -14.73 -14.75
CA ILE A 162 -8.60 -13.97 -13.54
C ILE A 162 -8.14 -14.75 -12.31
N GLY A 163 -7.50 -14.05 -11.38
CA GLY A 163 -7.04 -14.71 -10.18
C GLY A 163 -8.16 -14.96 -9.22
N ASN A 164 -7.96 -15.97 -8.36
CA ASN A 164 -9.03 -16.38 -7.45
C ASN A 164 -9.43 -15.23 -6.51
N THR A 165 -8.43 -14.49 -6.00
CA THR A 165 -8.74 -13.40 -5.08
C THR A 165 -9.49 -12.29 -5.78
N THR A 166 -9.06 -11.92 -7.00
CA THR A 166 -9.79 -10.92 -7.78
C THR A 166 -11.20 -11.42 -8.06
N ARG A 167 -11.34 -12.69 -8.47
CA ARG A 167 -12.68 -13.21 -8.72
C ARG A 167 -13.54 -13.14 -7.46
N ASN A 168 -13.00 -13.53 -6.31
CA ASN A 168 -13.78 -13.44 -5.08
C ASN A 168 -14.29 -12.03 -4.83
N ALA A 169 -13.41 -11.04 -4.99
CA ALA A 169 -13.80 -9.65 -4.79
C ALA A 169 -14.94 -9.24 -5.72
N LEU A 170 -14.84 -9.60 -7.01
CA LEU A 170 -15.94 -9.22 -7.90
C LEU A 170 -17.23 -9.96 -7.55
N GLU A 171 -17.14 -11.25 -7.20
CA GLU A 171 -18.35 -11.97 -6.80
C GLU A 171 -18.96 -11.38 -5.54
N GLN A 172 -18.13 -10.93 -4.59
CA GLN A 172 -18.65 -10.36 -3.35
C GLN A 172 -19.22 -8.98 -3.56
N TYR A 173 -18.57 -8.16 -4.41
CA TYR A 173 -19.12 -6.86 -4.77
C TYR A 173 -20.50 -7.03 -5.41
N LEU A 174 -20.64 -8.01 -6.30
CA LEU A 174 -21.94 -8.22 -6.92
C LEU A 174 -22.98 -8.68 -5.91
N LYS A 175 -22.57 -9.53 -4.96
CA LYS A 175 -23.51 -10.06 -3.96
C LYS A 175 -23.86 -9.02 -2.90
N HIS A 176 -22.87 -8.25 -2.42
CA HIS A 176 -23.04 -7.37 -1.27
C HIS A 176 -23.07 -5.88 -1.60
N GLY A 177 -22.66 -5.47 -2.80
CA GLY A 177 -22.77 -4.08 -3.18
C GLY A 177 -21.51 -3.29 -2.91
N ALA A 178 -21.64 -1.97 -3.08
CA ALA A 178 -20.49 -1.09 -3.18
C ALA A 178 -19.75 -0.94 -1.86
N SER A 179 -20.38 -1.32 -0.74
CA SER A 179 -19.76 -1.18 0.56
C SER A 179 -18.86 -2.35 0.91
N TRP A 180 -18.85 -3.38 0.09
CA TRP A 180 -18.09 -4.56 0.43
C TRP A 180 -16.59 -4.28 0.34
N PHE A 181 -15.87 -4.66 1.38
CA PHE A 181 -14.42 -4.76 1.37
C PHE A 181 -14.03 -6.07 2.01
N GLY A 182 -13.04 -6.74 1.45
CA GLY A 182 -12.64 -8.03 1.98
C GLY A 182 -11.34 -8.43 1.34
N ASN A 183 -11.02 -9.73 1.47
CA ASN A 183 -9.68 -10.25 1.13
C ASN A 183 -8.63 -9.52 1.98
N THR A 184 -8.72 -9.72 3.29
CA THR A 184 -7.80 -9.08 4.21
C THR A 184 -6.71 -10.01 4.67
N GLU A 185 -6.95 -11.32 4.56
CA GLU A 185 -6.09 -12.32 5.14
C GLU A 185 -4.76 -12.40 4.40
N PRO A 186 -3.69 -12.79 5.09
CA PRO A 186 -2.36 -12.80 4.45
C PRO A 186 -2.27 -13.72 3.24
N GLU A 187 -3.04 -14.82 3.17
CA GLU A 187 -2.99 -15.64 1.97
C GLU A 187 -3.55 -14.94 0.73
N THR A 188 -4.11 -13.73 0.87
CA THR A 188 -4.57 -12.97 -0.28
C THR A 188 -3.62 -11.84 -0.67
N ALA A 189 -2.40 -11.81 -0.10
CA ALA A 189 -1.38 -10.82 -0.48
C ALA A 189 -0.69 -11.21 -1.80
N GLY A 190 -1.51 -11.40 -2.83
CA GLY A 190 -1.02 -11.69 -4.17
C GLY A 190 -0.70 -10.43 -4.97
N ASN A 191 -0.49 -10.63 -6.28
CA ASN A 191 0.10 -9.61 -7.16
C ASN A 191 -0.89 -8.74 -7.90
N ALA A 192 -2.20 -9.02 -7.79
CA ALA A 192 -3.15 -8.42 -8.72
C ALA A 192 -3.16 -6.90 -8.69
N ALA A 193 -2.85 -6.30 -7.54
CA ALA A 193 -2.91 -4.84 -7.48
C ALA A 193 -1.61 -4.20 -7.96
N ILE A 194 -0.43 -4.74 -7.59
CA ILE A 194 0.78 -4.10 -8.10
C ILE A 194 0.87 -4.22 -9.62
N ILE A 195 0.31 -5.30 -10.21
CA ILE A 195 0.49 -5.47 -11.64
C ILE A 195 -0.40 -4.55 -12.45
N ARG A 196 -1.27 -3.78 -11.80
CA ARG A 196 -2.15 -2.84 -12.51
C ARG A 196 -1.93 -1.40 -12.07
N GLN A 197 -0.85 -1.11 -11.34
CA GLN A 197 -0.69 0.16 -10.62
C GLN A 197 -0.50 1.37 -11.53
N ALA A 198 0.16 1.21 -12.68
CA ALA A 198 0.64 2.38 -13.42
C ALA A 198 -0.38 3.49 -13.64
N PRO A 199 -1.65 3.23 -14.00
CA PRO A 199 -2.58 4.36 -14.24
C PRO A 199 -2.70 5.32 -13.06
N THR A 200 -2.66 4.80 -11.84
CA THR A 200 -2.71 5.66 -10.65
C THR A 200 -1.52 6.62 -10.62
N SER A 201 -0.32 6.09 -10.87
CA SER A 201 0.87 6.94 -10.81
C SER A 201 0.89 7.95 -11.95
N ILE A 202 0.34 7.61 -13.11
CA ILE A 202 0.30 8.58 -14.20
C ILE A 202 -0.68 9.71 -13.85
N PHE A 203 -1.92 9.35 -13.49
CA PHE A 203 -2.93 10.36 -13.16
C PHE A 203 -2.50 11.24 -11.99
N ARG A 204 -1.82 10.66 -11.00
CA ARG A 204 -1.39 11.41 -9.81
C ARG A 204 0.06 11.86 -9.89
N ARG A 205 0.61 12.00 -11.10
CA ARG A 205 2.02 12.30 -11.27
C ARG A 205 2.41 13.61 -10.59
N LYS A 206 1.46 14.53 -10.37
CA LYS A 206 1.84 15.80 -9.78
C LYS A 206 1.72 15.83 -8.26
N SER A 207 1.31 14.74 -7.61
CA SER A 207 1.06 14.77 -6.16
C SER A 207 1.47 13.46 -5.52
N LEU A 208 2.53 13.47 -4.70
CA LEU A 208 2.86 12.25 -3.94
C LEU A 208 1.73 11.89 -2.97
N GLN A 209 1.09 12.88 -2.38
CA GLN A 209 0.03 12.55 -1.41
C GLN A 209 -1.14 11.86 -2.10
N ARG A 210 -1.56 12.38 -3.26
CA ARG A 210 -2.67 11.70 -3.94
C ARG A 210 -2.24 10.38 -4.53
N THR A 211 -0.96 10.24 -4.92
CA THR A 211 -0.43 8.93 -5.31
C THR A 211 -0.51 7.96 -4.13
N PHE A 212 -0.07 8.41 -2.95
CA PHE A 212 -0.13 7.57 -1.76
C PHE A 212 -1.57 7.15 -1.48
N ALA A 213 -2.49 8.13 -1.53
CA ALA A 213 -3.86 7.86 -1.13
C ALA A 213 -4.59 7.02 -2.18
N ASP A 214 -4.25 7.15 -3.47
CA ASP A 214 -4.94 6.34 -4.48
C ASP A 214 -4.36 4.93 -4.61
N SER A 215 -3.10 4.74 -4.24
CA SER A 215 -2.43 3.47 -4.51
C SER A 215 -2.95 2.36 -3.58
N ASP A 216 -3.03 2.63 -2.27
CA ASP A 216 -3.66 1.61 -1.43
C ASP A 216 -5.13 1.50 -1.74
N SER A 217 -5.81 2.61 -2.08
CA SER A 217 -7.22 2.52 -2.40
C SER A 217 -7.48 1.66 -3.65
N GLN A 218 -6.64 1.80 -4.68
CA GLN A 218 -6.90 0.98 -5.87
C GLN A 218 -6.69 -0.50 -5.55
N SER A 219 -5.68 -0.81 -4.73
CA SER A 219 -5.52 -2.18 -4.28
C SER A 219 -6.81 -2.69 -3.63
N MSE A 220 -7.38 -1.90 -2.73
CA MSE A 220 -8.56 -2.26 -1.95
C MSE A 220 -9.81 -2.56 -2.78
O MSE A 220 -10.78 -3.14 -2.28
CB MSE A 220 -8.89 -1.13 -0.97
CG MSE A 220 -7.86 -1.05 0.16
SE MSE A 220 -8.34 0.31 1.45
CE MSE A 220 -9.40 -0.85 2.61
N ALA A 221 -9.83 -2.14 -4.04
CA ALA A 221 -10.97 -2.54 -4.87
C ALA A 221 -11.09 -4.05 -4.91
N THR A 222 -9.98 -4.78 -4.78
CA THR A 222 -10.05 -6.24 -4.74
C THR A 222 -9.20 -6.85 -3.62
N HIS A 223 -8.12 -6.17 -3.20
CA HIS A 223 -7.11 -6.75 -2.32
C HIS A 223 -6.86 -5.84 -1.13
N CYS A 224 -7.31 -6.23 0.05
CA CYS A 224 -7.09 -5.41 1.25
C CYS A 224 -6.01 -5.95 2.18
N ALA A 225 -5.19 -6.91 1.73
CA ALA A 225 -4.05 -7.32 2.51
C ALA A 225 -3.10 -6.14 2.65
N PRO A 226 -2.67 -5.77 3.85
CA PRO A 226 -1.80 -4.58 3.96
C PRO A 226 -0.53 -4.67 3.11
N GLU A 227 0.04 -5.87 2.90
CA GLU A 227 1.27 -5.89 2.11
C GLU A 227 1.00 -5.64 0.63
N SER A 228 -0.21 -5.93 0.15
CA SER A 228 -0.58 -5.49 -1.20
C SER A 228 -0.77 -3.98 -1.23
N MSE A 229 -1.50 -3.44 -0.27
CA MSE A 229 -1.79 -2.01 -0.26
C MSE A 229 -0.51 -1.19 -0.19
O MSE A 229 -0.35 -0.23 -0.92
CB MSE A 229 -2.70 -1.65 0.91
CG MSE A 229 -4.09 -2.23 0.78
SE MSE A 229 -5.07 -2.10 2.49
CE MSE A 229 -5.00 -0.19 2.84
N ALA A 230 0.43 -1.61 0.66
CA ALA A 230 1.65 -0.84 0.86
C ALA A 230 2.63 -1.05 -0.30
N SER A 231 2.63 -2.25 -0.89
CA SER A 231 3.46 -2.46 -2.06
C SER A 231 3.02 -1.59 -3.21
N CYS A 232 1.70 -1.35 -3.34
CA CYS A 232 1.25 -0.45 -4.39
C CYS A 232 1.70 0.96 -4.10
N GLN A 233 1.69 1.34 -2.81
CA GLN A 233 2.13 2.70 -2.46
C GLN A 233 3.62 2.90 -2.79
N PHE A 234 4.45 1.90 -2.47
CA PHE A 234 5.86 2.03 -2.80
C PHE A 234 6.09 2.04 -4.31
N LEU A 235 5.57 1.04 -5.02
CA LEU A 235 5.65 1.05 -6.49
C LEU A 235 5.12 2.36 -7.06
N GLY A 236 4.00 2.86 -6.53
CA GLY A 236 3.46 4.12 -7.02
C GLY A 236 4.43 5.29 -6.89
N PHE A 237 5.18 5.33 -5.78
CA PHE A 237 6.17 6.39 -5.60
C PHE A 237 7.35 6.18 -6.54
N ILE A 238 7.80 4.93 -6.72
CA ILE A 238 8.87 4.69 -7.69
C ILE A 238 8.47 5.21 -9.05
N LEU A 239 7.24 4.92 -9.47
CA LEU A 239 6.80 5.38 -10.78
C LEU A 239 6.67 6.89 -10.82
N ASN A 240 6.21 7.50 -9.74
CA ASN A 240 6.14 8.96 -9.70
C ASN A 240 7.52 9.57 -9.91
N TYR A 241 8.51 9.11 -9.13
CA TYR A 241 9.85 9.66 -9.27
C TYR A 241 10.34 9.54 -10.72
N LEU A 242 10.10 8.39 -11.35
CA LEU A 242 10.64 8.14 -12.69
C LEU A 242 9.88 8.93 -13.75
N ILE A 243 8.55 8.96 -13.66
CA ILE A 243 7.77 9.73 -14.65
C ILE A 243 8.16 11.20 -14.59
N ASN A 244 8.47 11.70 -13.41
CA ASN A 244 8.87 13.09 -13.24
C ASN A 244 10.36 13.32 -13.52
N GLY A 245 11.08 12.30 -13.98
CA GLY A 245 12.38 12.47 -14.57
C GLY A 245 13.58 12.09 -13.72
N SER A 246 13.38 11.46 -12.57
CA SER A 246 14.53 11.17 -11.72
C SER A 246 15.41 10.10 -12.36
N SER A 247 16.70 10.11 -11.99
CA SER A 247 17.59 9.02 -12.42
C SER A 247 17.15 7.71 -11.81
N ARG A 248 17.66 6.60 -12.35
CA ARG A 248 17.38 5.33 -11.66
C ARG A 248 17.99 5.33 -10.26
N GLU A 249 19.22 5.83 -10.13
CA GLU A 249 19.86 5.85 -8.81
C GLU A 249 19.03 6.65 -7.81
N LYS A 250 18.52 7.83 -8.20
CA LYS A 250 17.66 8.60 -7.30
C LYS A 250 16.37 7.84 -6.97
N ALA A 251 15.67 7.33 -7.99
CA ALA A 251 14.41 6.59 -7.76
C ALA A 251 14.62 5.37 -6.87
N PHE A 252 15.73 4.68 -7.01
CA PHE A 252 15.98 3.46 -6.27
C PHE A 252 16.75 3.70 -4.98
N SER A 253 16.92 4.97 -4.57
CA SER A 253 17.53 5.24 -3.29
C SER A 253 16.47 5.16 -2.20
N PRO A 254 16.88 5.07 -0.93
CA PRO A 254 15.87 4.93 0.14
C PRO A 254 15.09 6.22 0.33
N HIS A 255 13.77 6.06 0.42
CA HIS A 255 12.85 7.18 0.60
C HIS A 255 12.23 7.14 1.99
N VAL A 256 12.09 8.30 2.62
CA VAL A 256 11.33 8.36 3.87
C VAL A 256 9.86 8.12 3.52
N MSE A 257 9.29 7.04 4.07
CA MSE A 257 7.86 6.81 3.93
C MSE A 257 7.43 5.69 4.87
O MSE A 257 8.25 4.88 5.31
CB MSE A 257 7.45 6.49 2.46
CG MSE A 257 7.98 5.24 1.84
SE MSE A 257 7.61 5.22 -0.14
CE MSE A 257 5.68 5.27 -0.21
N PRO A 258 6.19 5.71 5.28
CA PRO A 258 5.70 4.76 6.27
C PRO A 258 5.33 3.48 5.56
N LEU A 259 6.07 2.43 5.84
CA LEU A 259 5.88 1.17 5.15
C LEU A 259 6.00 0.03 6.14
N PRO A 260 5.19 -1.02 5.99
CA PRO A 260 5.39 -2.24 6.77
C PRO A 260 6.75 -2.85 6.44
N VAL A 261 7.27 -3.66 7.37
CA VAL A 261 8.70 -3.98 7.37
C VAL A 261 9.18 -4.63 6.06
N ARG A 262 8.38 -5.51 5.44
CA ARG A 262 8.92 -6.16 4.22
C ARG A 262 9.03 -5.18 3.06
N VAL A 263 8.12 -4.22 2.95
CA VAL A 263 8.25 -3.20 1.92
C VAL A 263 9.31 -2.17 2.33
N LEU A 264 9.42 -1.87 3.62
CA LEU A 264 10.50 -1.02 4.10
C LEU A 264 11.86 -1.54 3.65
N LEU A 265 12.07 -2.86 3.76
CA LEU A 265 13.38 -3.41 3.38
C LEU A 265 13.58 -3.36 1.88
N ILE A 266 12.50 -3.43 1.10
CA ILE A 266 12.69 -3.23 -0.34
C ILE A 266 13.10 -1.78 -0.59
N ASN A 267 12.41 -0.83 0.07
CA ASN A 267 12.76 0.59 0.01
C ASN A 267 14.23 0.81 0.38
N ALA A 268 14.70 0.10 1.41
CA ALA A 268 16.06 0.24 1.89
C ALA A 268 17.09 -0.29 0.91
N GLY A 269 16.66 -1.00 -0.11
CA GLY A 269 17.55 -1.44 -1.16
C GLY A 269 18.13 -2.82 -0.96
N GLU A 270 17.51 -3.65 -0.12
CA GLU A 270 18.15 -4.93 0.22
C GLU A 270 18.29 -5.87 -0.98
N TYR A 271 17.45 -5.72 -2.02
CA TYR A 271 17.55 -6.56 -3.22
C TYR A 271 18.79 -6.26 -4.07
N LYS A 272 19.42 -5.08 -3.89
CA LYS A 272 20.36 -4.60 -4.90
C LYS A 272 21.51 -5.57 -5.13
N GLU A 273 22.00 -6.20 -4.06
CA GLU A 273 23.12 -7.11 -4.17
C GLU A 273 22.70 -8.60 -4.16
N LYS A 274 21.42 -8.91 -4.22
CA LYS A 274 21.00 -10.30 -4.28
C LYS A 274 21.35 -10.90 -5.64
N LYS A 275 21.64 -12.21 -5.65
CA LYS A 275 21.82 -12.98 -6.86
C LYS A 275 20.48 -13.51 -7.34
N ARG A 276 20.44 -13.89 -8.61
CA ARG A 276 19.22 -14.41 -9.19
C ARG A 276 18.68 -15.61 -8.40
N ASP A 277 19.56 -16.46 -7.85
CA ASP A 277 18.99 -17.61 -7.16
C ASP A 277 18.46 -17.26 -5.78
N GLU A 278 18.60 -16.01 -5.35
CA GLU A 278 17.95 -15.50 -4.15
C GLU A 278 16.64 -14.78 -4.41
N ILE A 279 16.24 -14.64 -5.68
CA ILE A 279 15.06 -13.86 -6.06
C ILE A 279 13.93 -14.83 -6.37
N ARG A 280 12.73 -14.54 -5.88
CA ARG A 280 11.59 -15.42 -6.08
C ARG A 280 10.56 -14.75 -6.98
N SER A 281 10.00 -15.52 -7.90
CA SER A 281 8.96 -14.97 -8.78
C SER A 281 7.64 -15.67 -8.51
N SER A 282 7.23 -15.69 -7.23
CA SER A 282 6.04 -16.40 -6.82
C SER A 282 4.83 -15.50 -6.96
N GLY A 283 3.68 -16.01 -6.56
CA GLY A 283 2.49 -15.17 -6.54
C GLY A 283 2.38 -14.24 -5.35
N TYR A 284 3.39 -14.20 -4.46
CA TYR A 284 3.40 -13.31 -3.28
C TYR A 284 3.84 -11.90 -3.65
N VAL A 285 3.05 -10.91 -3.23
CA VAL A 285 3.31 -9.54 -3.69
C VAL A 285 4.73 -9.12 -3.34
N ILE A 286 5.21 -9.50 -2.15
CA ILE A 286 6.52 -9.03 -1.71
C ILE A 286 7.62 -9.60 -2.60
N ASP A 287 7.55 -10.91 -2.89
CA ASP A 287 8.51 -11.54 -3.79
C ASP A 287 8.53 -10.84 -5.14
N THR A 288 7.35 -10.56 -5.69
CA THR A 288 7.23 -10.01 -7.03
C THR A 288 7.78 -8.59 -7.10
N LEU A 289 7.40 -7.76 -6.13
CA LEU A 289 7.93 -6.39 -6.07
C LEU A 289 9.45 -6.40 -5.98
N GLU A 290 9.99 -7.21 -5.06
CA GLU A 290 11.43 -7.29 -4.92
C GLU A 290 12.08 -7.74 -6.22
N ALA A 291 11.50 -8.77 -6.84
CA ALA A 291 12.07 -9.31 -8.08
C ALA A 291 12.06 -8.27 -9.20
N ALA A 292 11.00 -7.44 -9.27
CA ALA A 292 10.95 -6.44 -10.33
C ALA A 292 11.98 -5.34 -10.09
N MSE A 293 12.12 -4.89 -8.84
CA MSE A 293 13.16 -3.86 -8.55
C MSE A 293 14.54 -4.42 -8.88
O MSE A 293 15.40 -3.73 -9.46
CB MSE A 293 13.12 -3.40 -7.08
CG MSE A 293 11.74 -2.83 -6.63
SE MSE A 293 11.52 -1.03 -7.50
CE MSE A 293 12.85 -0.04 -6.57
N TRP A 294 14.74 -5.69 -8.51
CA TRP A 294 16.00 -6.35 -8.81
C TRP A 294 16.26 -6.39 -10.32
N ALA A 295 15.21 -6.71 -11.12
CA ALA A 295 15.42 -6.85 -12.56
C ALA A 295 15.80 -5.52 -13.21
N VAL A 296 15.16 -4.43 -12.77
CA VAL A 296 15.49 -3.12 -13.33
C VAL A 296 16.87 -2.66 -12.86
N TRP A 297 17.18 -2.89 -11.57
CA TRP A 297 18.48 -2.53 -11.04
C TRP A 297 19.63 -3.24 -11.76
N ASN A 298 19.41 -4.48 -12.21
CA ASN A 298 20.47 -5.32 -12.74
C ASN A 298 20.52 -5.35 -14.27
N THR A 299 19.78 -4.47 -14.96
CA THR A 299 19.88 -4.36 -16.41
C THR A 299 20.00 -2.89 -16.79
N ASP A 300 20.31 -2.64 -18.07
CA ASP A 300 20.63 -1.30 -18.54
C ASP A 300 19.71 -0.81 -19.66
N ASN A 301 18.70 -1.57 -20.04
CA ASN A 301 17.77 -1.11 -21.04
C ASN A 301 16.46 -1.85 -20.85
N PHE A 302 15.43 -1.40 -21.54
CA PHE A 302 14.09 -1.96 -21.35
C PHE A 302 14.02 -3.41 -21.82
N HIS A 303 14.58 -3.69 -22.99
CA HIS A 303 14.61 -5.05 -23.53
C HIS A 303 15.17 -6.02 -22.49
N ASP A 304 16.33 -5.70 -21.94
CA ASP A 304 16.98 -6.64 -21.04
C ASP A 304 16.23 -6.76 -19.72
N ALA A 305 15.62 -5.65 -19.26
CA ALA A 305 14.88 -5.71 -18.01
C ALA A 305 13.68 -6.65 -18.14
N ILE A 306 12.96 -6.55 -19.25
CA ILE A 306 11.79 -7.41 -19.45
C ILE A 306 12.21 -8.88 -19.51
N LEU A 307 13.26 -9.21 -20.27
CA LEU A 307 13.60 -10.63 -20.41
C LEU A 307 14.19 -11.19 -19.12
N LEU A 308 14.93 -10.37 -18.35
CA LEU A 308 15.47 -10.90 -17.09
C LEU A 308 14.33 -11.25 -16.13
N ALA A 309 13.29 -10.42 -16.10
CA ALA A 309 12.12 -10.72 -15.27
C ALA A 309 11.38 -11.95 -15.80
N ALA A 310 11.08 -11.99 -17.11
CA ALA A 310 10.25 -13.07 -17.63
C ALA A 310 10.93 -14.42 -17.49
N ASN A 311 12.25 -14.46 -17.66
CA ASN A 311 12.91 -15.75 -17.57
C ASN A 311 13.05 -16.27 -16.15
N LEU A 312 12.51 -15.56 -15.16
CA LEU A 312 12.49 -16.10 -13.81
C LEU A 312 11.53 -17.29 -13.69
N GLY A 313 10.60 -17.46 -14.64
CA GLY A 313 9.64 -18.56 -14.53
C GLY A 313 8.67 -18.39 -13.34
N ASP A 314 7.98 -19.49 -12.99
CA ASP A 314 6.94 -19.48 -11.96
C ASP A 314 5.94 -18.39 -12.35
N ASP A 315 5.64 -17.42 -11.49
CA ASP A 315 4.73 -16.33 -11.87
C ASP A 315 5.52 -15.27 -12.61
N ALA A 316 6.01 -15.67 -13.80
CA ALA A 316 6.84 -14.80 -14.64
C ALA A 316 6.06 -13.61 -15.16
N ASP A 317 4.77 -13.84 -15.37
CA ASP A 317 3.86 -12.81 -15.85
C ASP A 317 3.83 -11.60 -14.92
N SER A 318 3.66 -11.84 -13.61
CA SER A 318 3.52 -10.73 -12.69
C SER A 318 4.84 -9.98 -12.51
N VAL A 319 5.96 -10.68 -12.44
CA VAL A 319 7.20 -9.93 -12.26
C VAL A 319 7.52 -9.11 -13.53
N ALA A 320 7.25 -9.68 -14.70
CA ALA A 320 7.50 -8.97 -15.95
C ALA A 320 6.56 -7.78 -16.13
N ALA A 321 5.30 -7.90 -15.72
CA ALA A 321 4.39 -6.76 -15.83
C ALA A 321 4.79 -5.65 -14.88
N THR A 322 5.26 -6.02 -13.69
CA THR A 322 5.74 -5.01 -12.75
C THR A 322 7.04 -4.39 -13.25
N THR A 323 7.97 -5.22 -13.71
CA THR A 323 9.19 -4.71 -14.33
C THR A 323 8.87 -3.78 -15.49
N GLY A 324 7.87 -4.14 -16.30
CA GLY A 324 7.53 -3.33 -17.46
C GLY A 324 7.06 -1.93 -17.08
N GLN A 325 6.31 -1.80 -15.99
CA GLN A 325 5.94 -0.48 -15.50
C GLN A 325 7.17 0.34 -15.09
N ILE A 326 8.05 -0.27 -14.29
CA ILE A 326 9.20 0.45 -13.77
C ILE A 326 10.19 0.78 -14.88
N ALA A 327 10.60 -0.23 -15.65
CA ALA A 327 11.52 0.01 -16.77
C ALA A 327 10.90 0.93 -17.81
N GLY A 328 9.58 0.86 -18.00
CA GLY A 328 8.95 1.70 -18.99
C GLY A 328 8.99 3.16 -18.58
N ALA A 329 8.76 3.44 -17.28
CA ALA A 329 8.91 4.81 -16.77
C ALA A 329 10.35 5.27 -16.78
N LEU A 330 11.31 4.36 -16.53
CA LEU A 330 12.71 4.75 -16.49
C LEU A 330 13.25 5.09 -17.88
N TYR A 331 13.01 4.20 -18.85
CA TYR A 331 13.62 4.32 -20.17
C TYR A 331 12.73 5.06 -21.17
N GLY A 332 11.42 5.05 -20.93
CA GLY A 332 10.46 5.74 -21.76
C GLY A 332 9.94 4.90 -22.92
N TYR A 333 8.75 5.28 -23.38
CA TYR A 333 8.12 4.59 -24.51
C TYR A 333 9.02 4.55 -25.75
N SER A 334 9.73 5.64 -26.03
CA SER A 334 10.61 5.74 -27.18
C SER A 334 11.82 4.80 -27.11
N ASN A 335 12.03 4.09 -26.01
CA ASN A 335 13.11 3.12 -25.91
C ASN A 335 12.61 1.69 -25.72
N ILE A 336 11.32 1.46 -25.91
CA ILE A 336 10.77 0.10 -26.00
C ILE A 336 11.03 -0.41 -27.42
N PRO A 337 11.50 -1.65 -27.60
CA PRO A 337 11.78 -2.14 -28.95
C PRO A 337 10.58 -1.98 -29.89
N LYS A 338 10.85 -1.40 -31.06
CA LYS A 338 9.76 -1.17 -32.02
C LYS A 338 9.05 -2.45 -32.44
N PRO A 339 9.75 -3.56 -32.70
CA PRO A 339 9.02 -4.80 -33.04
C PRO A 339 8.07 -5.24 -31.95
N TRP A 340 8.40 -4.99 -30.68
CA TRP A 340 7.47 -5.36 -29.61
C TRP A 340 6.25 -4.44 -29.60
N LEU A 341 6.45 -3.13 -29.79
CA LEU A 341 5.32 -2.22 -29.95
C LEU A 341 4.44 -2.63 -31.13
N ASP A 342 5.06 -3.05 -32.23
CA ASP A 342 4.31 -3.40 -33.44
C ASP A 342 3.44 -4.62 -33.22
N LYS A 343 3.92 -5.61 -32.44
CA LYS A 343 3.18 -6.85 -32.20
C LYS A 343 2.17 -6.72 -31.07
N LEU A 344 2.39 -5.80 -30.14
CA LEU A 344 1.55 -5.68 -28.94
C LEU A 344 0.10 -5.35 -29.32
N VAL A 345 -0.84 -6.21 -28.88
CA VAL A 345 -2.24 -6.03 -29.25
C VAL A 345 -2.78 -4.73 -28.67
N GLN A 346 -3.52 -3.98 -29.48
CA GLN A 346 -4.13 -2.72 -29.06
C GLN A 346 -3.09 -1.71 -28.56
N GLN A 347 -1.88 -1.73 -29.12
CA GLN A 347 -0.83 -0.85 -28.63
C GLN A 347 -1.22 0.63 -28.74
N GLU A 348 -1.87 1.02 -29.85
CA GLU A 348 -2.21 2.43 -30.04
C GLU A 348 -3.21 2.90 -28.99
N ARG A 349 -4.22 2.07 -28.74
CA ARG A 349 -5.20 2.37 -27.70
C ARG A 349 -4.56 2.54 -26.33
N ILE A 350 -3.65 1.62 -25.98
CA ILE A 350 -3.01 1.67 -24.66
C ILE A 350 -2.16 2.94 -24.52
N SER A 351 -1.41 3.27 -25.57
CA SER A 351 -0.63 4.51 -25.58
C SER A 351 -1.52 5.72 -25.40
N ASN A 352 -2.66 5.74 -26.10
CA ASN A 352 -3.54 6.91 -26.04
C ASN A 352 -4.17 7.05 -24.65
N LEU A 353 -4.49 5.93 -24.00
CA LEU A 353 -5.04 6.02 -22.64
C LEU A 353 -4.00 6.58 -21.69
N ALA A 354 -2.74 6.12 -21.83
CA ALA A 354 -1.66 6.68 -21.02
C ALA A 354 -1.54 8.19 -21.24
N GLU A 355 -1.61 8.61 -22.51
CA GLU A 355 -1.50 10.02 -22.83
C GLU A 355 -2.67 10.81 -22.24
N GLN A 356 -3.87 10.24 -22.31
CA GLN A 356 -5.04 10.90 -21.74
C GLN A 356 -4.89 11.09 -20.25
N LEU A 357 -4.51 10.02 -19.55
CA LEU A 357 -4.26 10.12 -18.12
C LEU A 357 -3.20 11.18 -17.83
N PHE A 358 -2.15 11.22 -18.64
CA PHE A 358 -1.05 12.15 -18.40
C PHE A 358 -1.54 13.58 -18.43
N TYR A 359 -2.28 13.95 -19.48
CA TYR A 359 -2.69 15.34 -19.60
C TYR A 359 -3.79 15.72 -18.61
N MSE A 360 -4.63 14.76 -18.20
CA MSE A 360 -5.70 15.02 -17.22
C MSE A 360 -5.21 15.12 -15.78
O MSE A 360 -5.99 15.49 -14.87
CB MSE A 360 -6.73 13.89 -17.25
CG MSE A 360 -7.49 13.71 -18.53
SE MSE A 360 -8.86 12.34 -18.10
CE MSE A 360 -7.77 11.08 -17.12
N ALA A 361 -3.95 14.76 -15.55
CA ALA A 361 -3.42 14.68 -14.20
C ALA A 361 -3.68 15.97 -13.44
N PRO A 362 -4.37 15.93 -12.31
CA PRO A 362 -4.69 17.17 -11.59
C PRO A 362 -3.43 17.85 -11.03
N GLU A 363 -3.53 19.17 -10.87
CA GLU A 363 -2.44 19.90 -10.23
C GLU A 363 -2.30 19.46 -8.76
N GLU A 364 -1.08 19.56 -8.25
CA GLU A 364 -0.83 19.36 -6.81
C GLU A 364 -1.74 20.24 -5.97
N ASP A 365 -2.20 19.70 -4.84
CA ASP A 365 -3.06 20.44 -3.94
C ASP A 365 -2.26 21.50 -3.20
N PHE A 366 -2.85 22.69 -3.00
CA PHE A 366 -2.21 23.76 -2.22
C PHE A 366 -3.18 24.87 -1.73
N GLU B 3 -21.42 21.59 18.31
CA GLU B 3 -20.58 22.50 17.52
C GLU B 3 -19.28 21.73 17.21
N GLN B 4 -18.70 21.14 18.25
CA GLN B 4 -17.44 20.41 18.10
C GLN B 4 -17.63 19.14 17.27
N ALA B 5 -18.67 18.36 17.56
CA ALA B 5 -18.91 17.12 16.84
C ALA B 5 -19.16 17.39 15.35
N LYS B 6 -19.84 18.50 15.03
CA LYS B 6 -20.04 18.84 13.63
C LYS B 6 -18.75 19.23 12.95
N VAL B 7 -17.87 19.97 13.65
CA VAL B 7 -16.56 20.27 13.09
C VAL B 7 -15.80 18.99 12.79
N TRP B 8 -15.81 18.05 13.74
CA TRP B 8 -15.13 16.75 13.55
C TRP B 8 -15.70 15.99 12.35
N THR B 9 -17.04 15.90 12.28
CA THR B 9 -17.67 15.16 11.18
C THR B 9 -17.33 15.78 9.84
N GLN B 10 -17.52 17.08 9.71
CA GLN B 10 -17.29 17.73 8.43
C GLN B 10 -15.81 17.69 8.04
N THR B 11 -14.91 17.82 9.02
CA THR B 11 -13.49 17.77 8.70
C THR B 11 -13.10 16.37 8.25
N ALA B 12 -13.56 15.37 9.00
CA ALA B 12 -13.21 13.99 8.67
C ALA B 12 -13.78 13.56 7.31
N ARG B 13 -15.02 13.97 7.04
CA ARG B 13 -15.67 13.65 5.78
C ARG B 13 -14.88 14.22 4.61
N ALA B 14 -14.43 15.48 4.71
CA ALA B 14 -13.62 16.06 3.64
C ALA B 14 -12.35 15.25 3.40
N ASN B 15 -11.66 14.88 4.48
CA ASN B 15 -10.41 14.14 4.35
C ASN B 15 -10.64 12.76 3.77
N ALA B 16 -11.69 12.08 4.21
CA ALA B 16 -11.99 10.74 3.72
C ALA B 16 -12.38 10.78 2.27
N GLU B 17 -13.13 11.81 1.86
CA GLU B 17 -13.55 11.83 0.46
C GLU B 17 -12.35 12.05 -0.44
N LYS B 18 -11.31 12.71 0.05
CA LYS B 18 -10.07 12.85 -0.70
C LYS B 18 -9.27 11.55 -0.69
N ASN B 19 -9.17 10.91 0.47
CA ASN B 19 -8.21 9.85 0.73
C ASN B 19 -8.75 8.48 0.39
N ASN B 20 -10.02 8.21 0.71
CA ASN B 20 -10.63 6.94 0.29
C ASN B 20 -12.14 7.13 0.41
N ALA B 21 -12.73 7.67 -0.66
CA ALA B 21 -14.12 8.06 -0.63
C ALA B 21 -15.03 6.87 -0.39
N GLN B 22 -14.61 5.68 -0.80
CA GLN B 22 -15.47 4.52 -0.61
C GLN B 22 -15.51 4.08 0.85
N LEU B 23 -14.37 4.13 1.55
CA LEU B 23 -14.39 3.85 2.98
C LEU B 23 -15.27 4.84 3.73
N SER B 24 -15.32 6.10 3.26
CA SER B 24 -16.16 7.09 3.91
C SER B 24 -17.60 6.64 3.98
N THR B 25 -18.11 5.99 2.93
CA THR B 25 -19.50 5.58 2.92
C THR B 25 -19.81 4.50 3.94
N LEU B 26 -18.81 3.82 4.51
CA LEU B 26 -19.03 2.86 5.57
C LEU B 26 -19.43 3.50 6.89
N LEU B 27 -19.28 4.81 7.03
CA LEU B 27 -19.38 5.49 8.33
C LEU B 27 -20.51 6.52 8.35
N THR B 28 -21.31 6.50 9.42
CA THR B 28 -22.29 7.55 9.67
C THR B 28 -21.58 8.83 10.07
N ASP B 29 -22.35 9.92 10.09
CA ASP B 29 -21.82 11.21 10.54
C ASP B 29 -21.26 11.11 11.95
N ASP B 30 -22.04 10.48 12.85
CA ASP B 30 -21.59 10.31 14.23
C ASP B 30 -20.33 9.46 14.32
N GLN B 31 -20.27 8.37 13.55
CA GLN B 31 -19.10 7.50 13.61
C GLN B 31 -17.86 8.18 13.05
N ILE B 32 -17.95 8.79 11.87
CA ILE B 32 -16.74 9.37 11.28
C ILE B 32 -16.25 10.54 12.12
N GLY B 33 -17.17 11.30 12.73
CA GLY B 33 -16.75 12.42 13.54
C GLY B 33 -16.11 11.95 14.83
N ALA B 34 -16.61 10.85 15.38
CA ALA B 34 -16.07 10.33 16.64
C ALA B 34 -14.68 9.76 16.44
N ILE B 35 -14.46 8.97 15.38
CA ILE B 35 -13.12 8.46 15.16
C ILE B 35 -12.18 9.63 14.95
N TYR B 36 -12.59 10.62 14.14
CA TYR B 36 -11.74 11.79 13.95
C TYR B 36 -11.45 12.47 15.28
N GLY B 37 -12.49 12.66 16.10
CA GLY B 37 -12.30 13.29 17.39
C GLY B 37 -11.32 12.55 18.29
N TYR B 38 -11.29 11.22 18.21
CA TYR B 38 -10.27 10.46 18.94
C TYR B 38 -8.86 10.87 18.53
N THR B 39 -8.67 11.32 17.28
CA THR B 39 -7.34 11.72 16.86
C THR B 39 -7.03 13.19 17.19
N THR B 40 -7.90 13.89 17.88
CA THR B 40 -7.56 15.24 18.33
C THR B 40 -7.09 15.20 19.78
N ASN B 41 -6.33 16.23 20.19
CA ASN B 41 -5.85 16.19 21.57
C ASN B 41 -7.00 16.33 22.55
N GLU B 42 -7.97 17.18 22.23
CA GLU B 42 -9.09 17.38 23.16
C GLU B 42 -9.96 16.13 23.25
N GLY B 43 -10.15 15.44 22.12
CA GLY B 43 -10.98 14.24 22.16
C GLY B 43 -10.27 13.09 22.86
N TYR B 44 -8.99 12.87 22.53
CA TYR B 44 -8.27 11.73 23.09
C TYR B 44 -8.08 11.89 24.60
N THR B 45 -7.73 13.10 25.06
CA THR B 45 -7.45 13.32 26.48
C THR B 45 -8.70 13.23 27.32
N ALA B 46 -9.88 13.46 26.73
CA ALA B 46 -11.10 13.32 27.51
C ALA B 46 -11.50 11.86 27.58
N LEU B 47 -11.30 11.14 26.48
CA LEU B 47 -11.87 9.81 26.31
C LEU B 47 -11.00 8.70 26.87
N ASN B 48 -9.74 8.62 26.43
CA ASN B 48 -8.98 7.44 26.80
C ASN B 48 -8.67 7.36 28.30
N PRO B 49 -8.35 8.47 28.98
CA PRO B 49 -8.17 8.35 30.43
C PRO B 49 -9.42 7.88 31.17
N ALA B 50 -10.63 8.16 30.65
CA ALA B 50 -11.83 7.64 31.31
C ALA B 50 -11.98 6.15 31.07
N LEU B 51 -11.69 5.70 29.84
CA LEU B 51 -11.75 4.26 29.56
C LEU B 51 -10.72 3.49 30.36
N ARG B 52 -9.58 4.12 30.64
CA ARG B 52 -8.53 3.47 31.41
C ARG B 52 -8.72 3.60 32.91
N GLY B 53 -9.83 4.18 33.35
CA GLY B 53 -10.14 4.23 34.77
C GLY B 53 -9.42 5.30 35.55
N GLN B 54 -8.91 6.34 34.89
CA GLN B 54 -8.31 7.48 35.58
C GLN B 54 -9.32 8.57 35.89
N THR B 55 -10.33 8.75 35.05
CA THR B 55 -11.38 9.75 35.22
C THR B 55 -12.71 9.03 34.97
N PRO B 56 -13.84 9.62 35.40
CA PRO B 56 -15.10 8.90 35.25
C PRO B 56 -15.57 8.84 33.81
N LEU B 57 -16.20 7.71 33.46
CA LEU B 57 -16.78 7.56 32.13
C LEU B 57 -18.21 8.09 32.18
N THR B 58 -18.37 9.35 31.77
CA THR B 58 -19.63 10.08 31.91
C THR B 58 -20.55 9.71 30.76
N PRO B 59 -21.83 10.11 30.81
CA PRO B 59 -22.72 9.81 29.67
C PRO B 59 -22.20 10.29 28.34
N GLU B 60 -21.65 11.50 28.27
CA GLU B 60 -21.15 12.01 26.99
C GLU B 60 -19.98 11.18 26.49
N LEU B 61 -19.12 10.72 27.41
CA LEU B 61 -17.95 9.92 27.03
C LEU B 61 -18.37 8.51 26.64
N GLU B 62 -19.38 7.96 27.32
CA GLU B 62 -19.94 6.66 26.92
C GLU B 62 -20.45 6.71 25.49
N ALA B 63 -21.19 7.77 25.15
CA ALA B 63 -21.70 7.92 23.78
C ALA B 63 -20.55 8.08 22.80
N PHE B 64 -19.54 8.87 23.16
CA PHE B 64 -18.34 9.04 22.35
C PHE B 64 -17.71 7.68 22.03
N THR B 65 -17.47 6.86 23.06
CA THR B 65 -16.82 5.56 22.82
C THR B 65 -17.66 4.67 21.91
N GLY B 66 -18.97 4.67 22.13
CA GLY B 66 -19.84 3.81 21.32
C GLY B 66 -19.81 4.18 19.86
N HIS B 67 -19.74 5.48 19.56
CA HIS B 67 -19.62 5.93 18.18
C HIS B 67 -18.29 5.53 17.57
N VAL B 68 -17.20 5.62 18.33
CA VAL B 68 -15.90 5.22 17.79
C VAL B 68 -15.91 3.73 17.46
N THR B 69 -16.32 2.91 18.43
CA THR B 69 -16.27 1.47 18.21
C THR B 69 -17.29 1.04 17.15
N ASP B 70 -18.47 1.66 17.11
CA ASP B 70 -19.42 1.32 16.02
C ASP B 70 -18.79 1.60 14.67
N GLY B 71 -18.06 2.71 14.57
CA GLY B 71 -17.42 3.04 13.31
C GLY B 71 -16.29 2.08 12.95
N LEU B 72 -15.36 1.85 13.90
CA LEU B 72 -14.29 0.88 13.65
C LEU B 72 -14.86 -0.47 13.21
N ASN B 73 -16.01 -0.85 13.78
CA ASN B 73 -16.55 -2.16 13.47
C ASN B 73 -16.93 -2.28 11.99
N LYS B 74 -17.19 -1.15 11.33
CA LYS B 74 -17.54 -1.16 9.92
C LYS B 74 -16.32 -1.34 9.01
N LEU B 75 -15.13 -0.99 9.49
CA LEU B 75 -13.94 -0.90 8.64
C LEU B 75 -13.32 -2.27 8.42
N PRO B 76 -12.55 -2.46 7.33
CA PRO B 76 -11.94 -3.77 7.06
C PRO B 76 -10.76 -4.06 7.99
N ALA B 77 -10.56 -5.34 8.29
CA ALA B 77 -9.52 -5.74 9.23
C ALA B 77 -8.15 -5.35 8.71
N TYR B 78 -7.30 -4.82 9.59
CA TYR B 78 -5.86 -4.73 9.30
C TYR B 78 -5.21 -5.97 9.90
N ASN B 79 -4.94 -6.92 9.05
CA ASN B 79 -4.39 -8.21 9.45
C ASN B 79 -2.89 -8.14 9.19
N GLY B 80 -2.11 -7.94 10.26
CA GLY B 80 -0.70 -7.76 10.04
C GLY B 80 0.10 -7.47 11.31
N GLU B 81 1.10 -6.61 11.20
CA GLU B 81 1.93 -6.23 12.33
C GLU B 81 1.99 -4.72 12.35
N THR B 82 1.76 -4.12 13.52
CA THR B 82 1.94 -2.69 13.67
C THR B 82 2.74 -2.45 14.93
N TYR B 83 3.01 -1.18 15.21
CA TYR B 83 4.01 -0.86 16.23
C TYR B 83 3.57 0.31 17.10
N ARG B 84 3.97 0.25 18.35
CA ARG B 84 3.71 1.33 19.30
C ARG B 84 5.02 1.61 20.00
N GLY B 85 5.54 2.82 19.85
CA GLY B 85 6.71 3.26 20.58
C GLY B 85 6.28 4.03 21.80
N THR B 86 6.73 3.58 22.97
CA THR B 86 6.19 4.14 24.20
C THR B 86 7.21 3.93 25.30
N THR B 87 6.90 4.43 26.48
CA THR B 87 7.74 4.27 27.66
C THR B 87 6.85 3.85 28.82
N LEU B 88 7.09 2.64 29.34
CA LEU B 88 6.25 2.11 30.40
C LEU B 88 6.91 2.28 31.76
N PRO B 89 6.14 2.52 32.81
CA PRO B 89 6.74 2.50 34.15
C PRO B 89 7.39 1.14 34.40
N ALA B 90 8.44 1.15 35.22
CA ALA B 90 9.20 -0.06 35.46
C ALA B 90 8.31 -1.21 35.92
N HIS B 91 7.36 -0.94 36.81
CA HIS B 91 6.56 -2.05 37.32
C HIS B 91 5.60 -2.59 36.27
N ILE B 92 5.22 -1.76 35.29
CA ILE B 92 4.39 -2.24 34.18
C ILE B 92 5.23 -3.06 33.20
N LEU B 93 6.43 -2.58 32.87
CA LEU B 93 7.28 -3.35 31.95
C LEU B 93 7.59 -4.72 32.54
N GLU B 94 7.77 -4.78 33.86
CA GLU B 94 8.03 -6.04 34.54
C GLU B 94 6.88 -7.03 34.38
N GLN B 95 5.66 -6.53 34.15
CA GLN B 95 4.56 -7.44 33.90
C GLN B 95 4.48 -7.93 32.46
N ASN B 96 5.32 -7.40 31.58
CA ASN B 96 5.34 -7.82 30.18
C ASN B 96 6.37 -8.92 29.97
N GLN B 97 6.20 -10.04 30.68
CA GLN B 97 7.06 -11.19 30.48
C GLN B 97 6.47 -12.11 29.42
N ILE B 98 7.36 -12.85 28.73
CA ILE B 98 6.86 -13.84 27.77
C ILE B 98 5.90 -14.78 28.47
N GLY B 99 4.77 -15.04 27.83
CA GLY B 99 3.70 -15.80 28.42
C GLY B 99 2.67 -14.97 29.18
N GLY B 100 2.98 -13.71 29.48
CA GLY B 100 2.01 -12.89 30.18
C GLY B 100 0.91 -12.43 29.24
N THR B 101 -0.18 -11.97 29.84
CA THR B 101 -1.33 -11.38 29.14
C THR B 101 -1.40 -9.88 29.40
N VAL B 102 -1.84 -9.11 28.41
CA VAL B 102 -2.00 -7.67 28.53
C VAL B 102 -3.37 -7.29 27.97
N SER B 103 -4.02 -6.30 28.59
CA SER B 103 -5.27 -5.78 28.03
C SER B 103 -5.54 -4.37 28.55
N ASP B 104 -5.55 -3.41 27.61
CA ASP B 104 -5.75 -1.97 27.83
C ASP B 104 -7.25 -1.70 27.90
N GLY B 105 -7.71 -1.04 28.98
CA GLY B 105 -9.10 -0.61 29.01
C GLY B 105 -9.44 0.48 28.00
N GLY B 106 -8.44 1.19 27.50
CA GLY B 106 -8.65 2.21 26.49
C GLY B 106 -8.35 1.65 25.11
N PHE B 107 -8.56 2.51 24.11
CA PHE B 107 -8.07 2.26 22.76
C PHE B 107 -6.55 2.22 22.74
N MSE B 108 -5.98 1.35 21.91
CA MSE B 108 -4.55 1.32 21.75
C MSE B 108 -4.16 1.75 20.36
O MSE B 108 -4.37 1.01 19.40
CB MSE B 108 -3.98 -0.08 22.01
CG MSE B 108 -2.48 -0.10 21.84
SE MSE B 108 -1.73 -1.94 22.08
CE MSE B 108 -2.47 -2.80 20.47
N SER B 109 -3.57 2.95 20.25
CA SER B 109 -3.05 3.40 18.96
C SER B 109 -1.76 2.67 18.62
N THR B 110 -1.66 2.21 17.36
CA THR B 110 -0.42 1.69 16.81
C THR B 110 -0.27 2.31 15.44
N SER B 111 0.87 2.09 14.79
CA SER B 111 1.05 2.56 13.42
C SER B 111 1.80 1.51 12.62
N ALA B 112 1.47 1.39 11.32
CA ALA B 112 2.23 0.43 10.52
C ALA B 112 3.71 0.79 10.43
N LYS B 113 4.08 2.05 10.67
CA LYS B 113 5.46 2.48 10.50
C LYS B 113 6.33 2.09 11.69
N THR B 114 7.61 1.97 11.40
CA THR B 114 8.55 1.61 12.44
C THR B 114 8.67 2.77 13.45
N PRO B 115 8.57 2.50 14.75
CA PRO B 115 8.55 3.59 15.73
C PRO B 115 9.93 4.20 15.92
N PHE B 116 9.94 5.42 16.42
CA PHE B 116 11.20 6.11 16.69
C PHE B 116 11.45 6.32 18.17
N ASP B 117 10.49 6.84 18.90
CA ASP B 117 10.68 7.19 20.30
C ASP B 117 10.14 6.13 21.23
N GLY B 118 10.55 6.23 22.49
CA GLY B 118 10.10 5.31 23.51
C GLY B 118 11.17 4.30 23.88
N ASP B 119 11.26 3.99 25.18
CA ASP B 119 12.17 2.96 25.65
C ASP B 119 11.65 1.56 25.36
N VAL B 120 10.41 1.46 24.89
CA VAL B 120 9.77 0.20 24.57
C VAL B 120 9.22 0.30 23.15
N SER B 121 9.47 -0.72 22.34
CA SER B 121 8.86 -0.84 21.02
C SER B 121 7.97 -2.08 21.03
N ILE B 122 6.66 -1.88 20.91
CA ILE B 122 5.70 -2.99 20.94
C ILE B 122 5.32 -3.32 19.50
N SER B 123 5.62 -4.56 19.08
CA SER B 123 5.08 -5.12 17.85
C SER B 123 3.77 -5.80 18.18
N VAL B 124 2.76 -5.55 17.37
CA VAL B 124 1.40 -5.99 17.63
C VAL B 124 0.90 -6.74 16.42
N ARG B 125 0.52 -8.00 16.61
CA ARG B 125 -0.04 -8.85 15.59
C ARG B 125 -1.48 -9.14 15.94
N GLY B 126 -2.40 -8.92 15.01
CA GLY B 126 -3.78 -9.10 15.36
C GLY B 126 -4.61 -8.91 14.11
N ASN B 127 -5.93 -8.89 14.30
CA ASN B 127 -6.75 -8.43 13.19
C ASN B 127 -7.98 -7.64 13.63
N SER B 128 -8.10 -7.28 14.92
CA SER B 128 -9.15 -6.35 15.35
C SER B 128 -8.77 -4.90 15.16
N GLY B 129 -7.52 -4.60 14.82
CA GLY B 129 -7.13 -3.23 14.58
C GLY B 129 -7.63 -2.74 13.23
N LYS B 130 -7.98 -1.45 13.16
CA LYS B 130 -8.48 -0.86 11.92
C LYS B 130 -7.65 0.36 11.54
N GLN B 131 -7.29 0.44 10.25
CA GLN B 131 -6.54 1.58 9.73
C GLN B 131 -7.45 2.80 9.61
N ILE B 132 -7.02 3.93 10.16
CA ILE B 132 -7.87 5.12 10.15
C ILE B 132 -7.18 6.31 9.49
N ASP B 133 -6.06 6.07 8.77
CA ASP B 133 -5.31 7.15 8.18
C ASP B 133 -6.15 7.96 7.17
N PHE B 134 -7.11 7.31 6.51
CA PHE B 134 -7.92 8.04 5.53
C PHE B 134 -8.71 9.20 6.15
N LEU B 135 -8.87 9.24 7.48
CA LEU B 135 -9.55 10.34 8.14
C LEU B 135 -8.65 11.53 8.45
N SER B 136 -7.33 11.39 8.31
CA SER B 136 -6.40 12.51 8.48
C SER B 136 -6.31 13.30 7.18
N LYS B 137 -5.78 14.52 7.27
CA LYS B 137 -5.65 15.33 6.08
C LYS B 137 -4.68 14.71 5.05
N TYR B 138 -3.52 14.23 5.50
CA TYR B 138 -2.50 13.79 4.53
C TYR B 138 -2.37 12.28 4.43
N LYS B 139 -3.18 11.51 5.16
CA LYS B 139 -3.17 10.03 5.07
C LYS B 139 -1.77 9.49 5.32
N ASN B 140 -1.01 10.13 6.23
CA ASN B 140 0.43 9.91 6.28
C ASN B 140 0.93 9.09 7.46
N GLU B 141 0.13 8.88 8.50
CA GLU B 141 0.68 8.28 9.73
C GLU B 141 0.37 6.79 9.91
N ALA B 142 -0.42 6.19 9.03
CA ALA B 142 -0.68 4.74 9.05
C ALA B 142 -1.15 4.24 10.41
N GLU B 143 -1.98 5.04 11.09
CA GLU B 143 -2.48 4.65 12.41
C GLU B 143 -3.45 3.48 12.27
N VAL B 144 -3.23 2.46 13.10
CA VAL B 144 -4.09 1.28 13.16
C VAL B 144 -4.58 1.21 14.61
N LEU B 145 -5.89 1.27 14.79
CA LEU B 145 -6.48 1.51 16.11
C LEU B 145 -7.12 0.23 16.65
N TYR B 146 -6.70 -0.20 17.86
CA TYR B 146 -7.28 -1.38 18.51
C TYR B 146 -8.33 -0.94 19.52
N PRO B 147 -9.47 -1.60 19.58
CA PRO B 147 -10.55 -1.14 20.46
C PRO B 147 -10.28 -1.52 21.90
N PRO B 148 -11.03 -0.92 22.83
CA PRO B 148 -10.81 -1.22 24.25
C PRO B 148 -10.92 -2.70 24.54
N ASN B 149 -10.12 -3.14 25.51
CA ASN B 149 -10.19 -4.49 26.10
C ASN B 149 -9.82 -5.57 25.08
N THR B 150 -9.04 -5.21 24.07
CA THR B 150 -8.36 -6.25 23.28
C THR B 150 -7.27 -6.90 24.13
N ARG B 151 -7.29 -8.23 24.20
CA ARG B 151 -6.31 -8.94 24.99
C ARG B 151 -5.17 -9.41 24.10
N PHE B 152 -3.96 -9.37 24.62
CA PHE B 152 -2.77 -9.77 23.89
C PHE B 152 -1.94 -10.68 24.76
N GLU B 153 -1.29 -11.66 24.15
CA GLU B 153 -0.29 -12.45 24.84
C GLU B 153 1.09 -11.96 24.42
N VAL B 154 1.97 -11.80 25.41
CA VAL B 154 3.36 -11.43 25.14
C VAL B 154 4.07 -12.69 24.68
N ILE B 155 4.40 -12.77 23.38
CA ILE B 155 4.99 -14.00 22.86
C ILE B 155 6.48 -13.87 22.59
N ASN B 156 7.05 -12.68 22.67
CA ASN B 156 8.51 -12.57 22.59
C ASN B 156 8.94 -11.25 23.25
N ARG B 157 10.23 -11.19 23.58
CA ARG B 157 10.80 -10.02 24.22
C ARG B 157 12.31 -10.04 24.04
N ILE B 158 12.90 -8.88 23.76
CA ILE B 158 14.35 -8.80 23.70
C ILE B 158 14.75 -7.35 23.94
N GLU B 159 15.90 -7.16 24.56
CA GLU B 159 16.51 -5.84 24.69
C GLU B 159 17.55 -5.70 23.59
N GLN B 160 17.33 -4.78 22.65
CA GLN B 160 18.27 -4.53 21.56
C GLN B 160 18.66 -3.06 21.58
N ASN B 161 19.94 -2.82 21.86
CA ASN B 161 20.49 -1.48 22.08
C ASN B 161 19.76 -0.92 23.30
N GLY B 162 19.20 0.27 23.23
CA GLY B 162 18.56 0.80 24.41
C GLY B 162 17.09 0.53 24.55
N THR B 163 16.51 -0.26 23.66
CA THR B 163 15.06 -0.40 23.57
C THR B 163 14.65 -1.83 23.94
N THR B 164 13.61 -1.96 24.75
CA THR B 164 12.96 -3.24 24.97
C THR B 164 11.95 -3.46 23.86
N HIS B 165 12.09 -4.55 23.11
CA HIS B 165 11.12 -4.94 22.09
C HIS B 165 10.20 -5.99 22.67
N LEU B 166 8.89 -5.78 22.54
CA LEU B 166 7.90 -6.77 22.94
C LEU B 166 7.07 -7.18 21.73
N LEU B 167 6.62 -8.45 21.70
CA LEU B 167 5.76 -8.92 20.62
C LEU B 167 4.43 -9.39 21.21
N TYR B 168 3.35 -8.72 20.82
CA TYR B 168 2.00 -9.00 21.28
C TYR B 168 1.26 -9.75 20.20
N ARG B 169 0.58 -10.81 20.58
CA ARG B 169 -0.33 -11.51 19.69
C ARG B 169 -1.74 -11.35 20.21
N GLU B 170 -2.64 -10.81 19.41
CA GLU B 170 -4.01 -10.68 19.85
C GLU B 170 -4.61 -12.05 20.15
N ILE B 171 -5.28 -12.18 21.28
CA ILE B 171 -5.99 -13.42 21.59
C ILE B 171 -7.48 -13.13 21.47
N PRO B 172 -8.13 -13.49 20.37
CA PRO B 172 -9.57 -13.30 20.24
C PRO B 172 -10.34 -14.22 21.17
MG MG C . -1.79 -12.65 -16.05
#